data_8ANB
#
_entry.id   8ANB
#
_cell.length_a   81.010
_cell.length_b   95.550
_cell.length_c   79.940
_cell.angle_alpha   90.000
_cell.angle_beta   90.000
_cell.angle_gamma   90.000
#
_symmetry.space_group_name_H-M   'C 2 2 21'
#
loop_
_entity.id
_entity.type
_entity.pdbx_description
1 polymer '14-3-3 protein sigma'
2 polymer 'Sirtuin 1 deacetylase'
3 non-polymer 'MAGNESIUM ION'
4 non-polymer 'CHLORIDE ION'
5 water water
#
loop_
_entity_poly.entity_id
_entity_poly.type
_entity_poly.pdbx_seq_one_letter_code
_entity_poly.pdbx_strand_id
1 'polypeptide(L)'
;MERASLIQKAKLAEQAERYEDMAAFMKGAVEKGEELSCEERNLLSVAYKNVVGGQRAAWRVLSSIEQKSNEEGSEEKGPE
VREYREKVETELQGVCDTVLGLLDSHLIKEAGDAESRVFYLKMKGDYYRYLAEVATGDDKKRIIDSARSAYQEAMDISKK
EMPPTNPIRLGLALNFSVFHYEIANSPEEAISLAKTTFDEAMADLHTLSEDSYKDSTLIMQLLRDNLTLWT
;
A
2 'polypeptide(L)' VLSSS(SEP)CGSNS P
#
# COMPACT_ATOMS: atom_id res chain seq x y z
N MET A 1 19.11 15.18 14.60
CA MET A 1 19.58 15.80 13.33
C MET A 1 20.54 14.88 12.60
N GLU A 2 21.37 14.08 13.31
CA GLU A 2 22.11 13.02 12.64
C GLU A 2 21.13 11.93 12.21
N ARG A 3 21.37 11.39 11.03
CA ARG A 3 20.49 10.38 10.48
C ARG A 3 20.37 9.17 11.41
N ALA A 4 21.48 8.71 11.99
CA ALA A 4 21.47 7.51 12.82
C ALA A 4 20.58 7.73 14.03
N SER A 5 20.57 8.96 14.56
CA SER A 5 19.73 9.28 15.71
C SER A 5 18.26 9.20 15.34
N LEU A 6 17.92 9.70 14.13
CA LEU A 6 16.54 9.70 13.70
C LEU A 6 16.03 8.27 13.54
N ILE A 7 16.86 7.41 12.96
CA ILE A 7 16.52 6.01 12.77
C ILE A 7 16.35 5.35 14.14
N GLN A 8 17.26 5.64 15.07
CA GLN A 8 17.18 5.05 16.40
C GLN A 8 15.84 5.46 17.04
N LYS A 9 15.50 6.73 16.91
CA LYS A 9 14.28 7.20 17.54
C LYS A 9 13.05 6.65 16.81
N ALA A 10 13.09 6.45 15.49
CA ALA A 10 11.96 5.82 14.82
C ALA A 10 11.70 4.43 15.39
N LYS A 11 12.78 3.68 15.65
CA LYS A 11 12.69 2.33 16.17
C LYS A 11 12.12 2.37 17.58
N LEU A 12 12.48 3.37 18.39
CA LEU A 12 11.93 3.53 19.74
C LEU A 12 10.44 3.83 19.63
N ALA A 13 10.07 4.79 18.78
CA ALA A 13 8.68 5.15 18.58
C ALA A 13 7.87 3.91 18.19
N GLU A 14 8.44 3.06 17.33
CA GLU A 14 7.72 1.86 16.92
C GLU A 14 7.44 0.97 18.13
N GLN A 15 8.43 0.74 19.00
CA GLN A 15 8.23 -0.09 20.18
C GLN A 15 7.19 0.55 21.09
N ALA A 16 7.20 1.88 21.15
CA ALA A 16 6.28 2.62 22.00
C ALA A 16 4.90 2.81 21.38
N GLU A 17 4.68 2.31 20.17
CA GLU A 17 3.44 2.46 19.41
C GLU A 17 3.06 3.93 19.24
N ARG A 18 4.09 4.80 19.05
CA ARG A 18 3.93 6.22 18.80
C ARG A 18 4.12 6.49 17.31
N TYR A 19 3.11 6.18 16.50
CA TYR A 19 3.29 6.10 15.05
C TYR A 19 3.46 7.48 14.42
N GLU A 20 2.79 8.51 14.95
CA GLU A 20 2.95 9.87 14.43
CA GLU A 20 2.95 9.85 14.39
C GLU A 20 4.42 10.27 14.61
N ASP A 21 4.97 10.01 15.80
CA ASP A 21 6.37 10.37 16.07
C ASP A 21 7.26 9.56 15.12
N MET A 22 6.98 8.26 15.03
CA MET A 22 7.76 7.37 14.18
C MET A 22 7.82 7.90 12.74
N ALA A 23 6.67 8.33 12.21
CA ALA A 23 6.59 8.90 10.87
C ALA A 23 7.45 10.15 10.73
N ALA A 24 7.40 11.03 11.72
CA ALA A 24 8.17 12.27 11.72
C ALA A 24 9.66 11.97 11.72
N PHE A 25 10.10 11.00 12.56
CA PHE A 25 11.51 10.63 12.58
C PHE A 25 11.92 10.13 11.20
N MET A 26 11.08 9.26 10.61
CA MET A 26 11.45 8.67 9.33
C MET A 26 11.46 9.74 8.23
N LYS A 27 10.55 10.72 8.31
CA LYS A 27 10.55 11.80 7.33
C LYS A 27 11.89 12.54 7.39
N GLY A 28 12.32 12.88 8.62
CA GLY A 28 13.61 13.51 8.79
C GLY A 28 14.75 12.66 8.23
N ALA A 29 14.70 11.35 8.42
CA ALA A 29 15.74 10.49 7.89
C ALA A 29 15.72 10.51 6.36
N VAL A 30 14.54 10.46 5.75
CA VAL A 30 14.48 10.44 4.29
C VAL A 30 15.11 11.72 3.75
N GLU A 31 14.82 12.83 4.41
CA GLU A 31 15.26 14.14 3.98
C GLU A 31 16.78 14.31 4.05
N LYS A 32 17.51 13.38 4.67
CA LYS A 32 18.97 13.40 4.54
C LYS A 32 19.44 13.05 3.14
N GLY A 33 18.62 12.42 2.32
CA GLY A 33 18.87 12.21 0.90
C GLY A 33 19.64 10.93 0.59
N GLU A 34 19.78 10.02 1.57
CA GLU A 34 20.40 8.73 1.29
CA GLU A 34 20.40 8.73 1.32
C GLU A 34 19.29 7.70 1.13
N GLU A 35 19.62 6.61 0.43
CA GLU A 35 18.66 5.54 0.29
C GLU A 35 18.29 4.97 1.66
N LEU A 36 17.12 4.33 1.70
CA LEU A 36 16.68 3.54 2.84
C LEU A 36 16.96 2.07 2.61
N SER A 37 17.43 1.40 3.65
CA SER A 37 17.52 -0.05 3.63
C SER A 37 16.12 -0.64 3.63
N CYS A 38 16.05 -1.98 3.46
CA CYS A 38 14.79 -2.68 3.53
CA CYS A 38 14.80 -2.70 3.54
C CYS A 38 14.12 -2.45 4.90
N GLU A 39 14.91 -2.57 5.97
CA GLU A 39 14.41 -2.35 7.33
C GLU A 39 13.83 -0.95 7.44
N GLU A 40 14.58 0.02 6.93
CA GLU A 40 14.20 1.41 7.05
C GLU A 40 12.97 1.74 6.20
N ARG A 41 12.84 1.24 4.97
CA ARG A 41 11.68 1.55 4.16
CA ARG A 41 11.68 1.61 4.21
C ARG A 41 10.44 0.95 4.83
N ASN A 42 10.61 -0.15 5.54
CA ASN A 42 9.50 -0.76 6.28
C ASN A 42 9.15 0.08 7.50
N LEU A 43 10.14 0.70 8.18
CA LEU A 43 9.80 1.64 9.25
C LEU A 43 8.95 2.78 8.70
N LEU A 44 9.36 3.36 7.56
CA LEU A 44 8.60 4.44 6.94
C LEU A 44 7.16 4.02 6.64
N SER A 45 7.00 2.86 6.01
CA SER A 45 5.69 2.41 5.57
C SER A 45 4.78 2.09 6.76
N VAL A 46 5.31 1.38 7.75
CA VAL A 46 4.52 1.03 8.92
C VAL A 46 4.01 2.31 9.60
N ALA A 47 4.89 3.29 9.77
CA ALA A 47 4.56 4.49 10.49
C ALA A 47 3.39 5.21 9.82
N TYR A 48 3.57 5.53 8.53
CA TYR A 48 2.57 6.29 7.79
C TYR A 48 1.29 5.48 7.59
N LYS A 49 1.40 4.15 7.44
CA LYS A 49 0.19 3.36 7.25
C LYS A 49 -0.66 3.36 8.51
N ASN A 50 -0.04 3.41 9.68
CA ASN A 50 -0.79 3.45 10.94
C ASN A 50 -1.48 4.82 11.07
N VAL A 51 -0.75 5.89 10.78
CA VAL A 51 -1.32 7.22 10.87
C VAL A 51 -2.50 7.35 9.92
N VAL A 52 -2.31 7.04 8.63
CA VAL A 52 -3.38 7.23 7.66
CA VAL A 52 -3.38 7.23 7.67
C VAL A 52 -4.50 6.24 7.97
N GLY A 53 -4.14 5.06 8.47
CA GLY A 53 -5.14 4.04 8.77
C GLY A 53 -6.17 4.53 9.78
N GLY A 54 -5.69 5.21 10.81
CA GLY A 54 -6.57 5.80 11.81
C GLY A 54 -7.47 6.89 11.23
N GLN A 55 -6.92 7.71 10.33
CA GLN A 55 -7.69 8.77 9.73
C GLN A 55 -8.78 8.19 8.81
N ARG A 56 -8.37 7.19 8.01
CA ARG A 56 -9.28 6.53 7.07
C ARG A 56 -10.44 5.87 7.84
N ALA A 57 -10.12 5.20 8.97
CA ALA A 57 -11.18 4.56 9.72
C ALA A 57 -12.15 5.62 10.26
N ALA A 58 -11.60 6.74 10.72
CA ALA A 58 -12.42 7.79 11.30
C ALA A 58 -13.30 8.43 10.20
N TRP A 59 -12.67 8.69 9.05
CA TRP A 59 -13.33 9.30 7.92
C TRP A 59 -14.51 8.42 7.48
N ARG A 60 -14.33 7.10 7.43
CA ARG A 60 -15.42 6.22 6.99
CA ARG A 60 -15.41 6.22 6.99
C ARG A 60 -16.58 6.28 7.98
N VAL A 61 -16.26 6.34 9.29
CA VAL A 61 -17.32 6.40 10.29
C VAL A 61 -18.13 7.68 10.09
N LEU A 62 -17.44 8.82 9.96
CA LEU A 62 -18.11 10.11 9.88
C LEU A 62 -18.88 10.23 8.56
N SER A 63 -18.28 9.77 7.46
CA SER A 63 -18.92 9.83 6.14
CA SER A 63 -18.93 9.85 6.15
C SER A 63 -20.21 9.03 6.14
N SER A 64 -20.18 7.84 6.75
CA SER A 64 -21.37 6.99 6.83
CA SER A 64 -21.36 6.99 6.86
C SER A 64 -22.48 7.70 7.59
N ILE A 65 -22.14 8.32 8.73
CA ILE A 65 -23.10 9.04 9.53
C ILE A 65 -23.69 10.20 8.72
N GLU A 66 -22.81 10.93 8.03
CA GLU A 66 -23.17 12.08 7.21
C GLU A 66 -24.13 11.64 6.10
N GLN A 67 -23.89 10.46 5.51
CA GLN A 67 -24.76 9.98 4.43
C GLN A 67 -26.15 9.64 4.97
N LYS A 68 -26.19 8.85 6.06
CA LYS A 68 -27.44 8.45 6.66
C LYS A 68 -28.27 9.68 7.02
N SER A 69 -27.58 10.78 7.34
CA SER A 69 -28.17 12.05 7.69
C SER A 69 -28.94 12.67 6.51
N ASN A 70 -28.73 12.15 5.28
CA ASN A 70 -29.21 12.78 4.06
C ASN A 70 -30.15 11.84 3.29
N GLY A 78 -28.02 19.49 11.85
CA GLY A 78 -27.01 20.57 11.87
C GLY A 78 -25.76 20.23 11.06
N PRO A 79 -24.79 21.16 10.98
CA PRO A 79 -23.58 20.98 10.17
C PRO A 79 -22.42 20.24 10.84
N GLU A 80 -22.62 19.78 12.09
CA GLU A 80 -21.52 19.29 12.90
C GLU A 80 -20.84 18.08 12.27
N VAL A 81 -21.62 17.13 11.73
CA VAL A 81 -21.02 15.92 11.21
C VAL A 81 -20.18 16.30 9.98
N ARG A 82 -20.76 17.12 9.10
CA ARG A 82 -20.05 17.55 7.90
C ARG A 82 -18.76 18.27 8.26
N GLU A 83 -18.85 19.20 9.21
CA GLU A 83 -17.69 19.97 9.64
C GLU A 83 -16.58 19.05 10.15
N TYR A 84 -16.94 18.08 10.98
CA TYR A 84 -15.93 17.23 11.60
C TYR A 84 -15.36 16.26 10.56
N ARG A 85 -16.23 15.74 9.69
CA ARG A 85 -15.77 14.93 8.57
C ARG A 85 -14.77 15.71 7.70
N GLU A 86 -15.04 16.99 7.43
CA GLU A 86 -14.11 17.82 6.66
C GLU A 86 -12.80 18.04 7.39
N LYS A 87 -12.83 18.12 8.72
CA LYS A 87 -11.61 18.32 9.48
C LYS A 87 -10.73 17.10 9.33
N VAL A 88 -11.32 15.92 9.50
CA VAL A 88 -10.57 14.68 9.40
C VAL A 88 -10.05 14.51 7.97
N GLU A 89 -10.87 14.85 6.98
CA GLU A 89 -10.49 14.73 5.59
C GLU A 89 -9.24 15.57 5.29
N THR A 90 -9.25 16.81 5.76
CA THR A 90 -8.14 17.74 5.52
C THR A 90 -6.87 17.15 6.12
N GLU A 91 -6.95 16.60 7.33
CA GLU A 91 -5.80 16.03 8.01
CA GLU A 91 -5.78 16.04 7.99
C GLU A 91 -5.27 14.84 7.21
N LEU A 92 -6.19 13.97 6.74
CA LEU A 92 -5.80 12.81 5.96
C LEU A 92 -5.10 13.25 4.67
N GLN A 93 -5.64 14.25 3.98
CA GLN A 93 -5.05 14.74 2.73
C GLN A 93 -3.63 15.21 2.99
N GLY A 94 -3.46 15.90 4.11
CA GLY A 94 -2.15 16.40 4.53
C GLY A 94 -1.12 15.31 4.66
N VAL A 95 -1.50 14.20 5.34
CA VAL A 95 -0.55 13.12 5.57
C VAL A 95 -0.22 12.45 4.24
N CYS A 96 -1.23 12.19 3.40
CA CYS A 96 -1.00 11.55 2.11
C CYS A 96 -0.07 12.42 1.28
N ASP A 97 -0.32 13.74 1.30
CA ASP A 97 0.52 14.66 0.54
C ASP A 97 1.96 14.67 1.07
N THR A 98 2.15 14.52 2.38
CA THR A 98 3.49 14.45 2.97
C THR A 98 4.24 13.23 2.44
N VAL A 99 3.58 12.06 2.48
CA VAL A 99 4.20 10.83 2.03
C VAL A 99 4.53 10.94 0.54
N LEU A 100 3.56 11.43 -0.25
CA LEU A 100 3.80 11.53 -1.68
C LEU A 100 4.96 12.49 -1.97
N GLY A 101 5.08 13.57 -1.19
CA GLY A 101 6.19 14.49 -1.37
C GLY A 101 7.53 13.81 -1.11
N LEU A 102 7.59 12.95 -0.08
CA LEU A 102 8.83 12.21 0.17
C LEU A 102 9.18 11.30 -1.00
N LEU A 103 8.15 10.66 -1.57
CA LEU A 103 8.36 9.70 -2.63
C LEU A 103 8.83 10.41 -3.88
N ASP A 104 8.25 11.58 -4.16
CA ASP A 104 8.60 12.29 -5.39
CA ASP A 104 8.54 12.39 -5.33
C ASP A 104 9.85 13.16 -5.22
N SER A 105 10.21 13.60 -4.00
CA SER A 105 11.38 14.47 -3.86
C SER A 105 12.66 13.66 -3.61
N HIS A 106 12.51 12.43 -3.10
CA HIS A 106 13.66 11.62 -2.72
CA HIS A 106 13.67 11.62 -2.73
C HIS A 106 13.56 10.19 -3.23
N LEU A 107 12.55 9.46 -2.75
CA LEU A 107 12.68 8.01 -2.68
C LEU A 107 12.69 7.32 -4.04
N ILE A 108 11.75 7.65 -4.91
CA ILE A 108 11.66 6.96 -6.17
C ILE A 108 12.89 7.19 -7.03
N LYS A 109 13.28 8.45 -7.21
CA LYS A 109 14.38 8.75 -8.13
C LYS A 109 15.73 8.28 -7.59
N GLU A 110 15.90 8.26 -6.26
CA GLU A 110 17.17 7.94 -5.63
C GLU A 110 17.34 6.43 -5.46
N ALA A 111 16.29 5.66 -5.68
CA ALA A 111 16.36 4.21 -5.44
C ALA A 111 17.32 3.58 -6.43
N GLY A 112 18.26 2.76 -5.93
CA GLY A 112 19.34 2.25 -6.74
C GLY A 112 19.09 0.83 -7.24
N ASP A 113 17.93 0.24 -6.92
CA ASP A 113 17.60 -1.12 -7.30
C ASP A 113 16.11 -1.25 -7.62
N ALA A 114 15.76 -2.32 -8.35
CA ALA A 114 14.40 -2.48 -8.83
C ALA A 114 13.38 -2.73 -7.73
N GLU A 115 13.77 -3.55 -6.72
CA GLU A 115 12.89 -3.88 -5.63
C GLU A 115 12.47 -2.63 -4.86
N SER A 116 13.44 -1.78 -4.51
CA SER A 116 13.12 -0.49 -3.90
C SER A 116 12.14 0.30 -4.77
N ARG A 117 12.40 0.36 -6.07
CA ARG A 117 11.61 1.19 -6.96
CA ARG A 117 11.61 1.19 -6.95
C ARG A 117 10.17 0.70 -6.98
N VAL A 118 9.98 -0.62 -7.05
CA VAL A 118 8.65 -1.20 -7.01
C VAL A 118 7.95 -0.87 -5.69
N PHE A 119 8.65 -1.08 -4.57
CA PHE A 119 8.12 -0.77 -3.24
C PHE A 119 7.61 0.68 -3.19
N TYR A 120 8.42 1.63 -3.69
CA TYR A 120 8.06 3.03 -3.60
C TYR A 120 6.94 3.39 -4.59
N LEU A 121 6.97 2.84 -5.81
CA LEU A 121 5.90 3.14 -6.75
C LEU A 121 4.56 2.56 -6.31
N LYS A 122 4.59 1.39 -5.67
CA LYS A 122 3.41 0.85 -5.01
C LYS A 122 2.90 1.81 -3.94
N MET A 123 3.81 2.33 -3.09
CA MET A 123 3.44 3.28 -2.05
C MET A 123 2.77 4.49 -2.67
N LYS A 124 3.33 4.96 -3.80
CA LYS A 124 2.74 6.11 -4.45
C LYS A 124 1.30 5.78 -4.89
N GLY A 125 1.12 4.67 -5.66
CA GLY A 125 -0.24 4.25 -5.94
C GLY A 125 -1.16 4.18 -4.73
N ASP A 126 -0.68 3.57 -3.64
CA ASP A 126 -1.49 3.44 -2.42
C ASP A 126 -1.94 4.80 -1.85
N TYR A 127 -1.02 5.76 -1.72
CA TYR A 127 -1.34 7.03 -1.11
C TYR A 127 -2.20 7.86 -2.04
N TYR A 128 -2.01 7.75 -3.35
CA TYR A 128 -2.98 8.37 -4.23
C TYR A 128 -4.35 7.70 -4.11
N ARG A 129 -4.37 6.37 -3.98
CA ARG A 129 -5.63 5.67 -3.76
C ARG A 129 -6.34 6.20 -2.49
N TYR A 130 -5.59 6.40 -1.40
CA TYR A 130 -6.22 6.90 -0.18
C TYR A 130 -6.78 8.32 -0.42
N LEU A 131 -6.05 9.16 -1.16
CA LEU A 131 -6.60 10.46 -1.53
C LEU A 131 -7.88 10.33 -2.36
N ALA A 132 -7.91 9.35 -3.27
CA ALA A 132 -9.06 9.16 -4.16
C ALA A 132 -10.33 8.81 -3.37
N GLU A 133 -10.16 8.09 -2.26
CA GLU A 133 -11.28 7.65 -1.45
C GLU A 133 -12.08 8.85 -0.94
N VAL A 134 -11.44 10.02 -0.75
CA VAL A 134 -12.11 11.17 -0.15
C VAL A 134 -12.32 12.29 -1.18
N ALA A 135 -11.81 12.10 -2.41
CA ALA A 135 -11.74 13.16 -3.40
C ALA A 135 -13.06 13.34 -4.15
N THR A 136 -13.26 14.56 -4.68
CA THR A 136 -14.33 14.86 -5.61
C THR A 136 -13.80 15.63 -6.81
N GLY A 137 -14.65 15.81 -7.81
CA GLY A 137 -14.38 16.78 -8.85
C GLY A 137 -13.07 16.50 -9.58
N ASP A 138 -12.42 17.60 -9.99
CA ASP A 138 -11.23 17.52 -10.82
C ASP A 138 -10.09 16.92 -10.01
N ASP A 139 -10.10 17.15 -8.70
CA ASP A 139 -9.10 16.58 -7.80
C ASP A 139 -9.12 15.06 -7.94
N LYS A 140 -10.33 14.47 -7.91
CA LYS A 140 -10.41 13.02 -7.97
C LYS A 140 -9.90 12.50 -9.32
N LYS A 141 -10.19 13.21 -10.40
CA LYS A 141 -9.75 12.77 -11.71
C LYS A 141 -8.23 12.73 -11.80
N ARG A 142 -7.58 13.81 -11.35
CA ARG A 142 -6.13 13.94 -11.37
C ARG A 142 -5.52 12.81 -10.54
N ILE A 143 -6.09 12.57 -9.35
CA ILE A 143 -5.57 11.59 -8.42
C ILE A 143 -5.66 10.18 -9.00
N ILE A 144 -6.80 9.87 -9.64
CA ILE A 144 -6.96 8.54 -10.20
C ILE A 144 -5.95 8.28 -11.31
N ASP A 145 -5.74 9.27 -12.19
CA ASP A 145 -4.73 9.15 -13.23
CA ASP A 145 -4.73 9.16 -13.23
C ASP A 145 -3.34 8.91 -12.61
N SER A 146 -3.01 9.65 -11.54
CA SER A 146 -1.70 9.53 -10.90
C SER A 146 -1.55 8.14 -10.27
N ALA A 147 -2.61 7.64 -9.61
CA ALA A 147 -2.54 6.32 -9.00
C ALA A 147 -2.29 5.26 -10.06
N ARG A 148 -3.07 5.32 -11.13
CA ARG A 148 -2.94 4.33 -12.19
C ARG A 148 -1.52 4.31 -12.76
N SER A 149 -0.95 5.49 -13.01
CA SER A 149 0.36 5.63 -13.62
CA SER A 149 0.36 5.61 -13.64
C SER A 149 1.43 5.00 -12.73
N ALA A 150 1.36 5.28 -11.42
CA ALA A 150 2.31 4.74 -10.47
C ALA A 150 2.20 3.22 -10.41
N TYR A 151 0.98 2.72 -10.24
CA TYR A 151 0.77 1.29 -10.11
C TYR A 151 1.23 0.56 -11.38
N GLN A 152 0.95 1.14 -12.54
CA GLN A 152 1.28 0.48 -13.78
C GLN A 152 2.80 0.42 -13.97
N GLU A 153 3.51 1.50 -13.64
CA GLU A 153 4.97 1.48 -13.72
C GLU A 153 5.55 0.42 -12.79
N ALA A 154 5.01 0.33 -11.58
CA ALA A 154 5.41 -0.68 -10.60
C ALA A 154 5.16 -2.08 -11.16
N MET A 155 3.99 -2.29 -11.76
CA MET A 155 3.63 -3.58 -12.35
C MET A 155 4.64 -4.00 -13.41
N ASP A 156 4.99 -3.07 -14.29
CA ASP A 156 5.93 -3.36 -15.37
C ASP A 156 7.27 -3.86 -14.83
N ILE A 157 7.83 -3.13 -13.86
CA ILE A 157 9.11 -3.47 -13.27
C ILE A 157 8.99 -4.84 -12.57
N SER A 158 7.93 -5.02 -11.79
CA SER A 158 7.78 -6.24 -11.02
C SER A 158 7.70 -7.48 -11.91
N LYS A 159 7.05 -7.37 -13.08
CA LYS A 159 6.90 -8.51 -13.96
CA LYS A 159 6.90 -8.51 -13.97
C LYS A 159 8.24 -8.87 -14.59
N LYS A 160 9.12 -7.87 -14.78
CA LYS A 160 10.45 -8.11 -15.33
C LYS A 160 11.44 -8.64 -14.29
N GLU A 161 11.31 -8.21 -13.03
CA GLU A 161 12.38 -8.31 -12.05
C GLU A 161 12.08 -9.27 -10.90
N MET A 162 10.81 -9.68 -10.70
CA MET A 162 10.44 -10.47 -9.53
C MET A 162 9.67 -11.72 -9.94
N PRO A 163 9.86 -12.87 -9.26
CA PRO A 163 9.06 -14.06 -9.56
C PRO A 163 7.61 -13.89 -9.09
N PRO A 164 6.68 -14.72 -9.62
CA PRO A 164 5.25 -14.49 -9.38
C PRO A 164 4.80 -14.62 -7.92
N THR A 165 5.54 -15.37 -7.08
CA THR A 165 5.16 -15.50 -5.67
C THR A 165 5.84 -14.43 -4.81
N ASN A 166 6.67 -13.58 -5.41
CA ASN A 166 7.37 -12.59 -4.60
C ASN A 166 6.35 -11.75 -3.82
N PRO A 167 6.42 -11.61 -2.48
CA PRO A 167 5.39 -10.85 -1.76
C PRO A 167 5.20 -9.40 -2.17
N ILE A 168 6.27 -8.71 -2.58
CA ILE A 168 6.13 -7.35 -3.03
C ILE A 168 5.30 -7.32 -4.32
N ARG A 169 5.66 -8.18 -5.27
CA ARG A 169 4.93 -8.28 -6.53
C ARG A 169 3.45 -8.60 -6.26
N LEU A 170 3.18 -9.59 -5.39
CA LEU A 170 1.81 -9.97 -5.08
C LEU A 170 1.07 -8.82 -4.41
N GLY A 171 1.67 -8.16 -3.42
CA GLY A 171 1.00 -7.07 -2.74
C GLY A 171 0.62 -5.92 -3.65
N LEU A 172 1.49 -5.58 -4.59
CA LEU A 172 1.25 -4.57 -5.60
C LEU A 172 0.05 -4.95 -6.47
N ALA A 173 0.07 -6.17 -7.01
CA ALA A 173 -1.02 -6.64 -7.87
C ALA A 173 -2.34 -6.60 -7.10
N LEU A 174 -2.32 -7.07 -5.86
CA LEU A 174 -3.51 -7.03 -4.98
C LEU A 174 -4.04 -5.60 -4.90
N ASN A 175 -3.18 -4.66 -4.51
CA ASN A 175 -3.61 -3.28 -4.29
C ASN A 175 -4.05 -2.61 -5.58
N PHE A 176 -3.39 -2.94 -6.70
CA PHE A 176 -3.84 -2.39 -7.97
C PHE A 176 -5.23 -2.92 -8.34
N SER A 177 -5.50 -4.20 -8.05
CA SER A 177 -6.80 -4.77 -8.33
C SER A 177 -7.86 -4.06 -7.50
N VAL A 178 -7.52 -3.68 -6.26
CA VAL A 178 -8.46 -2.99 -5.39
C VAL A 178 -8.74 -1.59 -5.94
N PHE A 179 -7.68 -0.94 -6.43
CA PHE A 179 -7.83 0.33 -7.13
C PHE A 179 -8.83 0.20 -8.28
N HIS A 180 -8.66 -0.84 -9.10
CA HIS A 180 -9.54 -1.00 -10.25
C HIS A 180 -11.01 -1.13 -9.81
N TYR A 181 -11.25 -1.95 -8.78
CA TYR A 181 -12.59 -2.27 -8.34
C TYR A 181 -13.24 -1.08 -7.60
N GLU A 182 -12.52 -0.56 -6.60
CA GLU A 182 -13.10 0.36 -5.62
C GLU A 182 -12.99 1.81 -6.10
N ILE A 183 -11.98 2.13 -6.91
CA ILE A 183 -11.67 3.52 -7.22
C ILE A 183 -12.00 3.86 -8.66
N ALA A 184 -11.53 3.03 -9.61
CA ALA A 184 -11.67 3.30 -11.03
C ALA A 184 -12.98 2.76 -11.57
N ASN A 185 -13.76 2.05 -10.76
CA ASN A 185 -15.01 1.44 -11.19
C ASN A 185 -14.79 0.66 -12.48
N SER A 186 -13.78 -0.22 -12.41
CA SER A 186 -13.36 -1.10 -13.49
CA SER A 186 -13.40 -1.10 -13.50
C SER A 186 -13.34 -2.53 -12.97
N PRO A 187 -14.52 -3.12 -12.64
CA PRO A 187 -14.53 -4.46 -12.03
C PRO A 187 -13.89 -5.54 -12.90
N GLU A 188 -14.05 -5.45 -14.24
CA GLU A 188 -13.52 -6.47 -15.12
C GLU A 188 -11.99 -6.48 -15.08
N GLU A 189 -11.36 -5.29 -15.09
CA GLU A 189 -9.91 -5.19 -14.94
C GLU A 189 -9.48 -5.70 -13.56
N ALA A 190 -10.25 -5.39 -12.52
CA ALA A 190 -9.91 -5.83 -11.17
C ALA A 190 -9.90 -7.36 -11.09
N ILE A 191 -10.97 -7.96 -11.60
CA ILE A 191 -11.12 -9.42 -11.56
C ILE A 191 -10.05 -10.08 -12.42
N SER A 192 -9.82 -9.57 -13.64
CA SER A 192 -8.78 -10.10 -14.53
C SER A 192 -7.43 -10.13 -13.84
N LEU A 193 -7.05 -8.99 -13.24
CA LEU A 193 -5.74 -8.85 -12.62
C LEU A 193 -5.65 -9.80 -11.42
N ALA A 194 -6.67 -9.82 -10.56
CA ALA A 194 -6.62 -10.65 -9.35
C ALA A 194 -6.46 -12.12 -9.74
N LYS A 195 -7.20 -12.55 -10.77
CA LYS A 195 -7.24 -13.97 -11.16
C LYS A 195 -5.90 -14.40 -11.74
N THR A 196 -5.37 -13.58 -12.65
CA THR A 196 -4.09 -13.82 -13.30
C THR A 196 -2.99 -13.89 -12.25
N THR A 197 -3.03 -12.94 -11.30
CA THR A 197 -2.03 -12.86 -10.25
C THR A 197 -2.07 -14.14 -9.41
N PHE A 198 -3.26 -14.52 -8.96
CA PHE A 198 -3.39 -15.72 -8.15
C PHE A 198 -2.92 -16.95 -8.91
N ASP A 199 -3.46 -17.14 -10.11
CA ASP A 199 -3.16 -18.30 -10.92
C ASP A 199 -1.67 -18.45 -11.18
N GLU A 200 -1.00 -17.31 -11.44
N GLU A 200 -1.00 -17.36 -11.58
CA GLU A 200 0.43 -17.25 -11.75
CA GLU A 200 0.39 -17.45 -12.01
C GLU A 200 1.30 -17.46 -10.51
C GLU A 200 1.30 -17.77 -10.82
N ALA A 201 0.77 -17.15 -9.33
N ALA A 201 0.82 -17.50 -9.60
CA ALA A 201 1.51 -17.39 -8.10
CA ALA A 201 1.56 -17.83 -8.39
C ALA A 201 1.31 -18.83 -7.64
C ALA A 201 1.40 -19.29 -7.96
N MET A 202 0.06 -19.33 -7.76
N MET A 202 0.30 -19.95 -8.37
CA MET A 202 -0.29 -20.67 -7.31
CA MET A 202 -0.02 -21.31 -7.93
C MET A 202 0.62 -21.66 -8.02
C MET A 202 1.15 -22.23 -8.24
N ALA A 203 0.97 -21.31 -9.27
N ALA A 203 1.62 -22.12 -9.49
CA ALA A 203 1.73 -22.20 -10.14
CA ALA A 203 2.51 -23.08 -10.11
C ALA A 203 3.12 -22.55 -9.58
C ALA A 203 3.87 -23.11 -9.43
N ASP A 204 3.67 -21.74 -8.64
N ASP A 204 4.18 -22.08 -8.63
CA ASP A 204 5.02 -21.88 -8.10
CA ASP A 204 5.44 -22.03 -7.92
C ASP A 204 5.03 -22.13 -6.59
C ASP A 204 5.23 -22.56 -6.50
N LEU A 205 3.86 -22.16 -5.94
N LEU A 205 3.97 -22.62 -6.05
CA LEU A 205 3.83 -22.26 -4.47
CA LEU A 205 3.74 -22.87 -4.62
C LEU A 205 4.44 -23.59 -3.99
C LEU A 205 4.41 -24.17 -4.20
N HIS A 206 4.44 -24.64 -4.84
N HIS A 206 4.39 -25.17 -5.08
CA HIS A 206 4.99 -25.95 -4.48
CA HIS A 206 4.90 -26.48 -4.72
C HIS A 206 6.51 -25.93 -4.38
C HIS A 206 6.42 -26.47 -4.70
N THR A 207 7.14 -24.85 -4.86
N THR A 207 6.99 -25.32 -5.10
CA THR A 207 8.59 -24.71 -4.80
CA THR A 207 8.44 -25.14 -5.17
C THR A 207 9.01 -23.93 -3.56
C THR A 207 9.00 -24.44 -3.93
N LEU A 208 8.03 -23.47 -2.75
N LEU A 208 8.12 -23.82 -3.12
CA LEU A 208 8.32 -22.54 -1.66
CA LEU A 208 8.54 -22.97 -2.00
C LEU A 208 8.53 -23.25 -0.33
C LEU A 208 8.87 -23.73 -0.71
N SER A 209 9.41 -22.64 0.47
N SER A 209 9.91 -23.25 -0.01
CA SER A 209 9.62 -23.03 1.86
CA SER A 209 10.25 -23.67 1.36
C SER A 209 8.46 -22.56 2.74
C SER A 209 9.16 -23.12 2.28
N GLU A 210 8.48 -23.05 3.97
N GLU A 210 9.17 -23.58 3.53
CA GLU A 210 7.47 -22.81 4.99
CA GLU A 210 8.27 -23.06 4.54
C GLU A 210 7.17 -21.31 5.13
C GLU A 210 8.43 -21.54 4.65
N ASP A 211 8.20 -20.50 5.37
N ASP A 211 9.68 -21.05 4.55
CA ASP A 211 8.03 -19.10 5.72
CA ASP A 211 9.92 -19.61 4.72
C ASP A 211 7.72 -18.28 4.46
C ASP A 211 9.11 -18.82 3.71
N SER A 212 8.39 -18.62 3.36
N SER A 212 9.39 -19.02 2.41
CA SER A 212 8.10 -18.08 2.02
CA SER A 212 8.77 -18.20 1.37
C SER A 212 6.63 -18.31 1.66
C SER A 212 7.28 -18.49 1.27
N TYR A 213 6.15 -19.55 1.84
N TYR A 213 6.84 -19.70 1.62
CA TYR A 213 4.78 -19.90 1.45
CA TYR A 213 5.40 -19.90 1.69
C TYR A 213 3.75 -19.10 2.24
C TYR A 213 4.81 -18.96 2.74
N LYS A 214 3.97 -18.98 3.56
N LYS A 214 5.40 -18.98 3.95
CA LYS A 214 3.10 -18.21 4.42
CA LYS A 214 4.90 -18.19 5.06
C LYS A 214 2.98 -16.76 3.93
C LYS A 214 4.86 -16.72 4.66
N ASP A 215 4.12 -16.12 3.62
N ASP A 215 5.63 -16.34 3.64
CA ASP A 215 4.15 -14.72 3.18
CA ASP A 215 5.82 -14.94 3.34
C ASP A 215 3.34 -14.57 1.89
C ASP A 215 4.73 -14.40 2.41
N SER A 216 3.54 -15.50 0.96
N SER A 216 3.90 -15.30 1.85
CA SER A 216 2.84 -15.52 -0.31
CA SER A 216 3.07 -14.99 0.69
C SER A 216 1.35 -15.81 -0.11
C SER A 216 1.59 -15.34 0.87
N THR A 217 1.03 -16.88 0.64
N THR A 217 1.24 -16.64 1.05
CA THR A 217 -0.34 -17.36 0.85
CA THR A 217 -0.14 -17.04 0.84
C THR A 217 -1.22 -16.33 1.57
C THR A 217 -1.08 -16.09 1.60
N LEU A 218 -0.64 -15.53 2.45
N LEU A 218 -0.55 -15.42 2.63
CA LEU A 218 -1.37 -14.51 3.21
CA LEU A 218 -1.28 -14.36 3.30
C LEU A 218 -1.96 -13.45 2.28
C LEU A 218 -1.96 -13.45 2.28
N ILE A 219 -1.16 -13.00 1.31
CA ILE A 219 -1.60 -12.08 0.26
C ILE A 219 -2.50 -12.80 -0.74
N MET A 220 -2.17 -14.03 -1.10
CA MET A 220 -3.03 -14.76 -2.03
C MET A 220 -4.40 -15.04 -1.41
N GLN A 221 -4.48 -15.22 -0.09
CA GLN A 221 -5.78 -15.35 0.56
C GLN A 221 -6.64 -14.11 0.33
N LEU A 222 -6.01 -12.92 0.37
CA LEU A 222 -6.77 -11.71 0.11
C LEU A 222 -7.22 -11.61 -1.33
N LEU A 223 -6.36 -12.00 -2.30
CA LEU A 223 -6.78 -12.12 -3.68
C LEU A 223 -8.02 -13.01 -3.80
N ARG A 224 -8.04 -14.15 -3.08
CA ARG A 224 -9.16 -15.06 -3.14
CA ARG A 224 -9.16 -15.08 -3.13
C ARG A 224 -10.40 -14.46 -2.48
N ASP A 225 -10.21 -13.86 -1.29
CA ASP A 225 -11.33 -13.20 -0.62
C ASP A 225 -11.96 -12.15 -1.55
N ASN A 226 -11.16 -11.33 -2.20
CA ASN A 226 -11.69 -10.28 -3.06
C ASN A 226 -12.48 -10.87 -4.22
N LEU A 227 -11.92 -11.91 -4.85
CA LEU A 227 -12.59 -12.52 -5.99
C LEU A 227 -13.96 -13.06 -5.58
N THR A 228 -14.08 -13.55 -4.34
CA THR A 228 -15.31 -14.15 -3.86
C THR A 228 -16.35 -13.05 -3.63
N LEU A 229 -15.91 -11.90 -3.13
CA LEU A 229 -16.78 -10.75 -2.92
C LEU A 229 -17.20 -10.14 -4.27
N TRP A 230 -16.26 -10.09 -5.23
CA TRP A 230 -16.49 -9.39 -6.49
C TRP A 230 -17.31 -10.23 -7.46
N THR A 231 -17.30 -11.57 -7.29
CA THR A 231 -18.04 -12.51 -8.12
C THR A 231 -19.37 -12.88 -7.45
N LEU B 2 -18.54 -7.96 4.60
CA LEU B 2 -17.31 -8.17 3.78
C LEU B 2 -17.05 -6.92 2.95
N SER B 3 -15.77 -6.73 2.58
CA SER B 3 -15.35 -5.59 1.78
C SER B 3 -14.02 -5.92 1.09
N SER B 4 -13.63 -5.13 0.09
CA SER B 4 -12.37 -5.32 -0.61
C SER B 4 -11.22 -5.18 0.39
N SER B 5 -10.23 -6.08 0.30
CA SER B 5 -9.11 -6.12 1.24
C SER B 5 -7.82 -5.75 0.52
N CYS B 7 -3.40 -5.17 0.81
CA CYS B 7 -2.23 -5.83 1.33
C CYS B 7 -1.99 -5.41 2.79
N GLY B 8 -1.78 -6.41 3.65
CA GLY B 8 -1.50 -6.16 5.04
C GLY B 8 -2.75 -6.14 5.92
N SER B 9 -3.94 -6.23 5.32
CA SER B 9 -5.16 -6.09 6.10
C SER B 9 -5.45 -7.33 6.95
N ASN B 10 -4.79 -8.47 6.65
CA ASN B 10 -4.93 -9.69 7.44
C ASN B 10 -3.67 -9.96 8.27
N SER B 11 -2.86 -8.90 8.51
CA SER B 11 -1.65 -8.95 9.31
C SER B 11 -0.52 -9.55 8.48
#